data_5W6X
#
_entry.id   5W6X
#
_cell.length_a   113.755
_cell.length_b   46.319
_cell.length_c   74.238
_cell.angle_alpha   90.000
_cell.angle_beta   107.650
_cell.angle_gamma   90.000
#
_symmetry.space_group_name_H-M   'C 1 2 1'
#
loop_
_entity.id
_entity.type
_entity.pdbx_description
1 polymer 'U8 snoRNA-decapping enzyme'
2 non-polymer ADENOSINE-5-DIPHOSPHORIBOSE
3 non-polymer 'MAGNESIUM ION'
4 non-polymer 'ACETIC ACID'
5 non-polymer DI(HYDROXYETHYL)ETHER
6 water water
#
_entity_poly.entity_id   1
_entity_poly.type   'polypeptide(L)'
_entity_poly.pdbx_seq_one_letter_code
;MAGARRLELGEALALGSGWRHVCHALLYAPDPGMLFGRIPLRYAILMQMRFDGRLGFPGGFVDTQDRSLEDGLNRELREE
LGEAAAAFRVERTDYRSSHVGSGPRVVAHFYAKRLTLEELLAVEAGATRAKDHGLEVLGLVRVPLYTLRDGVGGLPTFLE
NSFIGSAREQLLEALQDLGLLQSGSISGLKIPAHH
;
_entity_poly.pdbx_strand_id   A,B
#
# COMPACT_ATOMS: atom_id res chain seq x y z
N GLY A 3 -0.05 -8.78 24.39
CA GLY A 3 -0.24 -9.48 23.09
C GLY A 3 -1.24 -10.65 23.11
N ALA A 4 -1.65 -11.06 21.92
CA ALA A 4 -2.50 -12.24 21.72
C ALA A 4 -1.80 -13.54 22.17
N ARG A 5 -2.60 -14.48 22.66
CA ARG A 5 -2.17 -15.80 23.12
C ARG A 5 -1.63 -16.69 21.98
N ARG A 6 -0.40 -17.20 22.13
CA ARG A 6 0.16 -18.18 21.19
C ARG A 6 -0.44 -19.56 21.40
N LEU A 7 -0.91 -20.19 20.33
CA LEU A 7 -1.36 -21.57 20.38
C LEU A 7 -0.39 -22.45 19.59
N GLU A 8 -0.23 -23.70 20.04
CA GLU A 8 0.36 -24.78 19.24
C GLU A 8 -0.60 -25.08 18.10
N LEU A 9 -0.04 -25.44 16.96
CA LEU A 9 -0.85 -25.80 15.84
C LEU A 9 -1.84 -26.93 16.10
N GLY A 10 -1.34 -28.01 16.70
CA GLY A 10 -2.16 -29.18 17.00
C GLY A 10 -3.28 -28.79 17.95
N GLU A 11 -2.92 -28.15 19.05
CA GLU A 11 -3.90 -27.50 19.94
C GLU A 11 -5.02 -26.72 19.22
N ALA A 12 -4.61 -25.80 18.33
CA ALA A 12 -5.55 -24.98 17.53
C ALA A 12 -6.49 -25.84 16.65
N LEU A 13 -5.92 -26.84 15.98
CA LEU A 13 -6.74 -27.71 15.11
C LEU A 13 -7.71 -28.59 15.87
N ALA A 14 -7.48 -28.80 17.17
CA ALA A 14 -8.38 -29.61 18.00
C ALA A 14 -9.50 -28.78 18.65
N LEU A 15 -9.59 -27.49 18.31
CA LEU A 15 -10.65 -26.62 18.76
C LEU A 15 -12.00 -26.97 18.08
N GLY A 16 -13.10 -26.64 18.76
CA GLY A 16 -14.42 -27.02 18.31
C GLY A 16 -14.84 -26.40 17.01
N SER A 17 -15.96 -26.90 16.48
CA SER A 17 -16.50 -26.47 15.19
C SER A 17 -16.82 -24.99 15.11
N GLY A 18 -17.14 -24.41 16.26
CA GLY A 18 -17.43 -22.99 16.33
C GLY A 18 -16.23 -22.08 16.11
N TRP A 19 -15.01 -22.56 16.29
CA TRP A 19 -13.82 -21.72 16.04
C TRP A 19 -13.62 -21.51 14.53
N ARG A 20 -13.18 -20.32 14.16
CA ARG A 20 -12.82 -20.04 12.78
C ARG A 20 -11.30 -19.87 12.70
N HIS A 21 -10.75 -20.33 11.60
CA HIS A 21 -9.35 -20.26 11.36
C HIS A 21 -9.08 -19.31 10.21
N VAL A 22 -8.06 -18.51 10.37
CA VAL A 22 -7.62 -17.57 9.35
C VAL A 22 -6.09 -17.81 9.11
N CYS A 23 -5.66 -17.73 7.84
CA CYS A 23 -4.27 -18.01 7.45
C CYS A 23 -3.74 -16.89 6.61
N HIS A 24 -2.56 -16.37 6.98
CA HIS A 24 -1.88 -15.33 6.21
C HIS A 24 -0.46 -15.68 6.00
N ALA A 25 0.10 -15.11 4.93
CA ALA A 25 1.46 -15.43 4.54
C ALA A 25 2.31 -14.20 4.25
N LEU A 26 3.57 -14.30 4.67
CA LEU A 26 4.56 -13.35 4.36
C LEU A 26 5.32 -13.99 3.20
N LEU A 27 5.17 -13.40 2.01
CA LEU A 27 5.93 -13.79 0.82
C LEU A 27 7.14 -12.86 0.67
N TYR A 28 8.35 -13.43 0.54
CA TYR A 28 9.58 -12.68 0.51
C TYR A 28 10.53 -13.31 -0.50
N ALA A 29 11.46 -12.51 -1.02
CA ALA A 29 12.50 -12.98 -1.95
C ALA A 29 13.77 -12.17 -1.79
N PRO A 30 14.95 -12.77 -1.98
CA PRO A 30 16.13 -11.91 -1.94
C PRO A 30 16.06 -10.81 -3.00
N ASP A 31 16.55 -9.63 -2.65
CA ASP A 31 16.57 -8.48 -3.55
C ASP A 31 17.95 -7.85 -3.50
N PRO A 32 18.69 -7.90 -4.63
CA PRO A 32 20.07 -7.38 -4.60
C PRO A 32 20.14 -5.87 -4.85
N GLY A 33 18.99 -5.23 -5.06
CA GLY A 33 18.92 -3.84 -5.38
C GLY A 33 19.34 -2.97 -4.21
N MET A 34 19.59 -1.71 -4.53
CA MET A 34 20.13 -0.76 -3.60
C MET A 34 19.38 0.53 -3.78
N LEU A 35 18.66 0.99 -2.74
CA LEU A 35 17.95 2.28 -2.81
C LEU A 35 18.97 3.41 -2.93
N PHE A 36 18.73 4.35 -3.84
CA PHE A 36 19.67 5.51 -4.08
C PHE A 36 21.08 5.01 -4.45
N GLY A 37 21.17 3.77 -4.94
CA GLY A 37 22.46 3.14 -5.21
C GLY A 37 23.35 2.84 -4.01
N ARG A 38 22.88 3.06 -2.78
CA ARG A 38 23.72 2.80 -1.61
C ARG A 38 23.06 2.02 -0.46
N ILE A 39 21.72 1.92 -0.40
CA ILE A 39 21.06 1.28 0.74
C ILE A 39 20.60 -0.09 0.28
N PRO A 40 21.23 -1.18 0.80
CA PRO A 40 20.75 -2.52 0.45
C PRO A 40 19.30 -2.77 0.87
N LEU A 41 18.49 -3.22 -0.07
CA LEU A 41 17.11 -3.53 0.24
C LEU A 41 17.02 -4.90 0.91
N ARG A 42 17.96 -5.80 0.61
CA ARG A 42 18.08 -7.14 1.24
C ARG A 42 16.97 -8.15 0.82
N TYR A 43 15.70 -7.86 1.14
CA TYR A 43 14.58 -8.68 0.65
C TYR A 43 13.40 -7.79 0.20
N ALA A 44 12.61 -8.36 -0.68
CA ALA A 44 11.38 -7.78 -1.11
C ALA A 44 10.37 -8.62 -0.31
N ILE A 45 9.58 -7.96 0.51
CA ILE A 45 8.59 -8.61 1.33
C ILE A 45 7.30 -7.89 1.08
N LEU A 46 6.27 -8.65 0.82
CA LEU A 46 4.99 -8.07 0.52
C LEU A 46 3.95 -7.99 1.62
N MET A 47 3.36 -6.82 1.73
CA MET A 47 2.15 -6.64 2.53
C MET A 47 1.11 -6.01 1.62
N GLN A 48 -0.07 -5.81 2.17
CA GLN A 48 -1.10 -5.09 1.49
C GLN A 48 -1.88 -4.11 2.37
N MET A 49 -2.41 -3.05 1.75
CA MET A 49 -3.36 -2.18 2.38
C MET A 49 -4.71 -2.89 2.24
N ARG A 50 -5.33 -3.18 3.38
CA ARG A 50 -6.64 -3.82 3.42
C ARG A 50 -7.74 -2.81 3.32
N PHE A 51 -8.96 -3.32 2.96
CA PHE A 51 -10.20 -2.54 2.96
C PHE A 51 -10.48 -1.75 4.24
N ASP A 52 -10.04 -2.26 5.38
CA ASP A 52 -10.23 -1.54 6.65
C ASP A 52 -9.22 -0.43 7.00
N GLY A 53 -8.32 -0.07 6.08
CA GLY A 53 -7.32 0.95 6.31
C GLY A 53 -6.05 0.55 7.00
N ARG A 54 -5.89 -0.75 7.27
CA ARG A 54 -4.72 -1.36 7.92
C ARG A 54 -3.89 -2.19 6.93
N LEU A 55 -2.59 -2.23 7.22
CA LEU A 55 -1.66 -3.11 6.58
C LEU A 55 -1.85 -4.51 7.14
N GLY A 56 -1.74 -5.48 6.26
CA GLY A 56 -1.95 -6.89 6.59
C GLY A 56 -1.17 -7.72 5.60
N PHE A 57 -1.23 -9.03 5.87
CA PHE A 57 -0.68 -10.02 5.02
C PHE A 57 -1.77 -10.69 4.21
N PRO A 58 -1.46 -11.05 2.96
CA PRO A 58 -2.53 -11.71 2.20
C PRO A 58 -2.92 -13.07 2.81
N GLY A 59 -4.17 -13.48 2.60
CA GLY A 59 -4.72 -14.73 3.14
C GLY A 59 -6.12 -14.42 3.59
N GLY A 60 -6.72 -15.30 4.39
CA GLY A 60 -8.11 -15.08 4.84
C GLY A 60 -8.67 -16.32 5.57
N PHE A 61 -9.96 -16.28 5.85
CA PHE A 61 -10.64 -17.40 6.50
C PHE A 61 -10.58 -18.67 5.71
N VAL A 62 -10.36 -19.74 6.46
CA VAL A 62 -10.43 -21.13 6.02
C VAL A 62 -11.84 -21.66 6.42
N ASP A 63 -12.57 -22.26 5.50
CA ASP A 63 -13.88 -22.80 5.82
C ASP A 63 -13.90 -24.33 5.80
N THR A 64 -15.08 -24.92 5.97
CA THR A 64 -15.21 -26.38 5.99
C THR A 64 -14.91 -27.00 4.64
N GLN A 65 -15.11 -26.21 3.59
CA GLN A 65 -14.85 -26.65 2.25
C GLN A 65 -13.38 -26.51 1.87
N ASP A 66 -12.53 -26.25 2.85
CA ASP A 66 -11.10 -26.18 2.62
C ASP A 66 -10.63 -27.46 3.32
N ARG A 67 -9.96 -28.34 2.58
CA ARG A 67 -9.49 -29.66 3.09
C ARG A 67 -8.39 -29.51 4.14
N SER A 68 -7.59 -28.45 4.00
CA SER A 68 -6.57 -28.18 4.99
C SER A 68 -6.38 -26.67 5.21
N LEU A 69 -5.61 -26.31 6.24
CA LEU A 69 -5.23 -24.91 6.45
C LEU A 69 -4.54 -24.38 5.15
N GLU A 70 -3.67 -25.20 4.60
CA GLU A 70 -2.83 -24.84 3.47
C GLU A 70 -3.63 -24.68 2.20
N ASP A 71 -4.68 -25.49 1.99
CA ASP A 71 -5.56 -25.32 0.85
C ASP A 71 -6.34 -24.01 0.97
N GLY A 72 -6.89 -23.71 2.16
CA GLY A 72 -7.60 -22.46 2.41
C GLY A 72 -6.71 -21.23 2.17
N LEU A 73 -5.50 -21.28 2.71
CA LEU A 73 -4.54 -20.27 2.51
C LEU A 73 -4.23 -20.02 1.02
N ASN A 74 -3.90 -21.08 0.29
CA ASN A 74 -3.53 -20.93 -1.12
C ASN A 74 -4.73 -20.44 -1.95
N ARG A 75 -5.94 -20.85 -1.55
CA ARG A 75 -7.14 -20.37 -2.20
C ARG A 75 -7.25 -18.87 -1.95
N GLU A 76 -7.12 -18.47 -0.69
CA GLU A 76 -7.23 -17.05 -0.37
C GLU A 76 -6.13 -16.23 -1.05
N LEU A 77 -4.90 -16.78 -1.15
CA LEU A 77 -3.83 -16.03 -1.82
C LEU A 77 -4.13 -15.76 -3.29
N ARG A 78 -4.77 -16.72 -3.94
CA ARG A 78 -5.20 -16.63 -5.33
C ARG A 78 -6.27 -15.55 -5.51
N GLU A 79 -7.27 -15.52 -4.63
CA GLU A 79 -8.30 -14.48 -4.69
C GLU A 79 -7.72 -13.08 -4.51
N GLU A 80 -6.76 -12.95 -3.59
CA GLU A 80 -6.22 -11.67 -3.20
C GLU A 80 -5.03 -11.17 -4.02
N LEU A 81 -4.20 -12.10 -4.51
CA LEU A 81 -2.96 -11.76 -5.24
C LEU A 81 -3.05 -12.05 -6.73
N GLY A 82 -4.00 -12.90 -7.12
CA GLY A 82 -4.15 -13.31 -8.51
C GLY A 82 -3.41 -14.58 -8.92
N GLU A 83 -3.52 -14.86 -10.21
CA GLU A 83 -3.05 -16.14 -10.78
C GLU A 83 -1.58 -16.40 -10.67
N ALA A 84 -0.73 -15.39 -10.65
CA ALA A 84 0.66 -15.64 -10.38
C ALA A 84 0.93 -16.31 -9.01
N ALA A 85 -0.03 -16.26 -8.09
CA ALA A 85 0.11 -16.91 -6.78
C ALA A 85 0.19 -18.42 -6.93
N ALA A 86 -0.47 -18.93 -7.96
CA ALA A 86 -0.55 -20.36 -8.28
C ALA A 86 0.76 -20.99 -8.74
N ALA A 87 1.76 -20.16 -9.03
CA ALA A 87 3.06 -20.61 -9.46
C ALA A 87 3.80 -21.31 -8.30
N PHE A 88 3.27 -21.17 -7.08
CA PHE A 88 3.85 -21.75 -5.90
C PHE A 88 2.77 -22.16 -4.93
N ARG A 89 3.16 -22.98 -3.96
CA ARG A 89 2.25 -23.41 -2.94
C ARG A 89 2.82 -23.17 -1.56
N VAL A 90 2.05 -22.52 -0.70
CA VAL A 90 2.51 -22.31 0.66
C VAL A 90 2.10 -23.60 1.33
N GLU A 91 3.03 -24.23 2.02
CA GLU A 91 2.80 -25.55 2.66
C GLU A 91 3.04 -25.52 4.15
N ARG A 92 2.72 -26.62 4.82
CA ARG A 92 2.95 -26.76 6.27
C ARG A 92 4.40 -26.51 6.63
N THR A 93 5.36 -26.78 5.73
CA THR A 93 6.74 -26.45 6.08
C THR A 93 6.98 -24.93 6.21
N ASP A 94 6.05 -24.10 5.71
CA ASP A 94 6.17 -22.62 5.79
C ASP A 94 5.45 -21.98 7.00
N TYR A 95 4.65 -22.81 7.69
CA TYR A 95 3.93 -22.45 8.91
C TYR A 95 4.92 -21.91 9.92
N ARG A 96 4.57 -20.78 10.53
CA ARG A 96 5.40 -20.24 11.59
CA ARG A 96 5.36 -20.12 11.58
C ARG A 96 4.65 -20.13 12.95
N SER A 97 3.35 -19.77 12.98
CA SER A 97 2.73 -19.47 14.27
C SER A 97 1.23 -19.45 14.24
N SER A 98 0.63 -19.73 15.40
CA SER A 98 -0.78 -19.59 15.62
C SER A 98 -1.00 -18.66 16.81
N HIS A 99 -1.94 -17.73 16.66
CA HIS A 99 -2.34 -16.78 17.72
C HIS A 99 -3.85 -16.73 17.84
N VAL A 100 -4.34 -16.54 19.06
CA VAL A 100 -5.77 -16.34 19.30
C VAL A 100 -6.12 -14.96 18.74
N GLY A 101 -7.10 -14.95 17.85
CA GLY A 101 -7.60 -13.74 17.22
C GLY A 101 -8.47 -12.92 18.17
N SER A 102 -8.58 -11.63 17.89
CA SER A 102 -9.39 -10.73 18.70
C SER A 102 -10.90 -10.94 18.54
N GLY A 103 -11.28 -11.51 17.40
CA GLY A 103 -12.67 -11.80 17.09
C GLY A 103 -13.18 -12.99 17.89
N PRO A 104 -14.56 -13.17 17.94
CA PRO A 104 -14.97 -14.33 18.73
C PRO A 104 -14.47 -15.64 18.12
N ARG A 105 -13.78 -16.40 18.94
CA ARG A 105 -13.21 -17.71 18.56
C ARG A 105 -12.58 -17.70 17.13
N VAL A 106 -11.52 -16.88 16.97
CA VAL A 106 -10.69 -16.90 15.77
C VAL A 106 -9.25 -17.24 16.15
N VAL A 107 -8.63 -18.16 15.41
CA VAL A 107 -7.22 -18.39 15.54
C VAL A 107 -6.57 -17.95 14.21
N ALA A 108 -5.52 -17.16 14.33
CA ALA A 108 -4.72 -16.64 13.21
C ALA A 108 -3.45 -17.45 13.00
N HIS A 109 -3.40 -18.19 11.91
CA HIS A 109 -2.17 -18.89 11.50
C HIS A 109 -1.33 -18.05 10.53
N PHE A 110 -0.02 -18.06 10.80
CA PHE A 110 0.98 -17.29 10.08
C PHE A 110 2.00 -18.22 9.44
N TYR A 111 2.26 -17.90 8.16
CA TYR A 111 3.18 -18.56 7.31
C TYR A 111 4.16 -17.55 6.69
N ALA A 112 5.35 -18.02 6.36
CA ALA A 112 6.38 -17.24 5.68
C ALA A 112 6.94 -18.11 4.51
N LYS A 113 6.93 -17.58 3.28
CA LYS A 113 7.25 -18.40 2.11
C LYS A 113 8.31 -17.74 1.23
N ARG A 114 9.46 -18.38 1.11
CA ARG A 114 10.49 -17.80 0.30
C ARG A 114 10.22 -18.04 -1.19
N LEU A 115 10.19 -16.95 -1.94
CA LEU A 115 10.04 -16.99 -3.39
C LEU A 115 11.40 -16.65 -4.06
N THR A 116 11.49 -16.92 -5.36
CA THR A 116 12.49 -16.22 -6.19
C THR A 116 11.97 -14.79 -6.46
N LEU A 117 12.89 -13.88 -6.73
CA LEU A 117 12.52 -12.52 -7.04
C LEU A 117 11.60 -12.46 -8.23
N GLU A 118 11.88 -13.31 -9.24
CA GLU A 118 10.94 -13.44 -10.41
C GLU A 118 9.49 -13.88 -10.05
N GLU A 119 9.32 -14.86 -9.16
CA GLU A 119 8.00 -15.20 -8.63
C GLU A 119 7.33 -14.01 -7.93
N LEU A 120 8.07 -13.32 -7.06
CA LEU A 120 7.50 -12.24 -6.28
C LEU A 120 7.10 -11.09 -7.19
N LEU A 121 8.03 -10.75 -8.08
CA LEU A 121 7.76 -9.80 -9.17
C LEU A 121 6.50 -10.14 -9.98
N ALA A 122 6.32 -11.40 -10.38
CA ALA A 122 5.09 -11.77 -11.12
C ALA A 122 3.84 -11.56 -10.25
N VAL A 123 3.96 -11.80 -8.95
CA VAL A 123 2.80 -11.56 -8.05
C VAL A 123 2.44 -10.08 -8.05
N GLU A 124 3.44 -9.25 -7.93
CA GLU A 124 3.17 -7.82 -7.96
C GLU A 124 2.55 -7.38 -9.27
N ALA A 125 3.05 -7.92 -10.39
CA ALA A 125 2.65 -7.42 -11.70
C ALA A 125 1.25 -7.76 -12.06
N GLY A 126 0.69 -8.81 -11.48
CA GLY A 126 -0.61 -9.28 -11.82
C GLY A 126 -1.68 -9.00 -10.80
N ALA A 127 -1.31 -8.38 -9.68
CA ALA A 127 -2.19 -8.18 -8.55
C ALA A 127 -3.42 -7.35 -8.84
N THR A 128 -3.36 -6.42 -9.75
CA THR A 128 -4.57 -5.65 -10.06
C THR A 128 -5.61 -6.49 -10.81
N ARG A 129 -5.25 -7.67 -11.32
CA ARG A 129 -6.22 -8.60 -11.91
C ARG A 129 -6.84 -9.59 -10.90
N ALA A 130 -6.37 -9.58 -9.65
CA ALA A 130 -6.89 -10.45 -8.61
C ALA A 130 -8.39 -10.13 -8.42
N LYS A 131 -9.16 -11.16 -8.12
CA LYS A 131 -10.54 -10.98 -7.79
C LYS A 131 -10.84 -9.88 -6.78
N ASP A 132 -9.99 -9.75 -5.76
CA ASP A 132 -10.26 -8.80 -4.70
C ASP A 132 -9.51 -7.49 -4.79
N HIS A 133 -8.83 -7.26 -5.89
CA HIS A 133 -8.17 -5.99 -6.08
C HIS A 133 -9.20 -4.87 -6.13
N GLY A 134 -8.99 -3.81 -5.38
CA GLY A 134 -9.98 -2.74 -5.29
C GLY A 134 -11.22 -3.07 -4.47
N LEU A 135 -11.25 -4.19 -3.75
CA LEU A 135 -12.34 -4.53 -2.85
C LEU A 135 -11.68 -4.85 -1.50
N GLU A 136 -11.42 -6.12 -1.20
CA GLU A 136 -10.72 -6.44 0.09
C GLU A 136 -9.29 -5.91 0.10
N VAL A 137 -8.65 -5.88 -1.08
CA VAL A 137 -7.21 -5.52 -1.17
C VAL A 137 -7.09 -4.15 -1.87
N LEU A 138 -6.55 -3.16 -1.19
CA LEU A 138 -6.41 -1.82 -1.76
C LEU A 138 -5.10 -1.59 -2.52
N GLY A 139 -4.18 -2.54 -2.43
CA GLY A 139 -2.91 -2.49 -3.10
C GLY A 139 -1.81 -3.10 -2.29
N LEU A 140 -0.81 -3.62 -2.98
CA LEU A 140 0.35 -4.23 -2.36
C LEU A 140 1.46 -3.22 -2.09
N VAL A 141 2.21 -3.45 -1.04
CA VAL A 141 3.33 -2.62 -0.68
C VAL A 141 4.49 -3.49 -0.23
N ARG A 142 5.70 -3.01 -0.39
CA ARG A 142 6.85 -3.74 0.07
C ARG A 142 7.26 -3.18 1.41
N VAL A 143 7.73 -4.03 2.28
CA VAL A 143 8.21 -3.63 3.62
C VAL A 143 9.67 -3.09 3.50
N PRO A 144 9.90 -1.80 3.80
CA PRO A 144 11.28 -1.28 3.77
C PRO A 144 12.06 -1.85 4.96
N LEU A 145 13.17 -2.52 4.69
CA LEU A 145 13.94 -3.18 5.74
C LEU A 145 15.08 -2.33 6.32
N TYR A 146 15.46 -1.28 5.60
CA TYR A 146 16.54 -0.35 5.94
C TYR A 146 16.01 0.71 6.88
N THR A 147 16.92 1.41 7.56
CA THR A 147 16.60 2.66 8.27
C THR A 147 17.38 3.77 7.61
N LEU A 148 16.72 4.88 7.35
CA LEU A 148 17.34 5.93 6.62
C LEU A 148 18.30 6.74 7.48
N ARG A 149 19.12 7.59 6.85
CA ARG A 149 20.19 8.30 7.59
C ARG A 149 19.72 9.22 8.72
N ASP A 150 18.43 9.60 8.70
CA ASP A 150 17.85 10.31 9.83
C ASP A 150 17.44 9.40 11.01
N GLY A 151 17.61 8.08 10.90
CA GLY A 151 17.31 7.14 12.02
C GLY A 151 15.85 6.83 12.25
N VAL A 152 14.97 7.33 11.37
CA VAL A 152 13.51 7.11 11.51
C VAL A 152 12.80 6.62 10.20
N GLY A 153 13.18 7.20 9.05
CA GLY A 153 12.68 6.86 7.73
C GLY A 153 12.94 5.39 7.47
N GLY A 154 12.00 4.76 6.75
CA GLY A 154 12.10 3.34 6.40
C GLY A 154 11.35 2.52 7.38
N LEU A 155 11.94 1.42 7.82
CA LEU A 155 11.30 0.44 8.70
C LEU A 155 10.61 0.99 9.92
N PRO A 156 11.33 1.81 10.79
CA PRO A 156 10.69 2.33 12.02
C PRO A 156 9.44 3.13 11.78
N THR A 157 9.43 3.86 10.65
CA THR A 157 8.32 4.65 10.26
C THR A 157 7.25 3.71 9.66
N PHE A 158 7.62 2.70 8.86
CA PHE A 158 6.63 1.75 8.32
C PHE A 158 5.85 1.06 9.45
N LEU A 159 6.56 0.73 10.52
CA LEU A 159 5.95 0.08 11.71
C LEU A 159 4.99 0.99 12.48
N GLU A 160 5.05 2.28 12.23
CA GLU A 160 4.12 3.25 12.81
C GLU A 160 2.74 3.29 12.14
N ASN A 161 2.61 2.66 10.96
CA ASN A 161 1.31 2.51 10.32
C ASN A 161 0.39 1.63 11.13
N SER A 162 -0.91 1.62 10.78
CA SER A 162 -1.86 0.67 11.37
C SER A 162 -1.79 -0.75 10.77
N PHE A 163 -1.77 -1.75 11.63
CA PHE A 163 -1.69 -3.16 11.22
C PHE A 163 -2.87 -3.93 11.80
N ILE A 164 -3.38 -4.90 11.05
CA ILE A 164 -4.52 -5.73 11.49
C ILE A 164 -4.00 -6.78 12.46
N GLY A 165 -4.80 -7.10 13.47
CA GLY A 165 -4.51 -8.25 14.35
C GLY A 165 -3.08 -8.22 14.85
N SER A 166 -2.35 -9.30 14.62
CA SER A 166 -0.97 -9.48 15.06
C SER A 166 0.02 -9.27 13.91
N ALA A 167 -0.44 -8.73 12.77
CA ALA A 167 0.44 -8.58 11.65
C ALA A 167 1.75 -7.87 12.02
N ARG A 168 1.72 -6.84 12.88
CA ARG A 168 2.97 -6.19 13.23
C ARG A 168 3.95 -7.18 13.91
N GLU A 169 3.43 -8.00 14.84
CA GLU A 169 4.20 -8.96 15.65
C GLU A 169 4.72 -10.08 14.77
N GLN A 170 3.82 -10.57 13.91
CA GLN A 170 4.11 -11.59 12.90
C GLN A 170 5.25 -11.15 11.98
N LEU A 171 5.18 -9.92 11.49
CA LEU A 171 6.24 -9.33 10.71
C LEU A 171 7.59 -9.32 11.46
N LEU A 172 7.61 -8.72 12.67
CA LEU A 172 8.87 -8.53 13.40
C LEU A 172 9.57 -9.81 13.76
N GLU A 173 8.80 -10.78 14.21
CA GLU A 173 9.27 -12.15 14.48
C GLU A 173 9.89 -12.85 13.24
N ALA A 174 9.25 -12.66 12.07
CA ALA A 174 9.79 -13.25 10.85
C ALA A 174 11.06 -12.52 10.51
N LEU A 175 11.08 -11.18 10.61
CA LEU A 175 12.29 -10.42 10.37
C LEU A 175 13.49 -10.91 11.21
N GLN A 176 13.29 -11.16 12.51
CA GLN A 176 14.32 -11.77 13.38
C GLN A 176 14.68 -13.20 12.95
N ASP A 177 13.67 -14.09 12.96
CA ASP A 177 13.83 -15.51 12.66
C ASP A 177 14.56 -15.72 11.38
N LEU A 178 14.00 -15.19 10.32
CA LEU A 178 14.60 -15.35 9.02
C LEU A 178 15.92 -14.61 9.04
N GLY A 179 16.25 -13.90 7.99
CA GLY A 179 17.52 -13.19 7.91
C GLY A 179 17.87 -12.35 9.10
N LEU A 180 19.07 -11.78 9.08
CA LEU A 180 19.53 -10.94 10.18
C LEU A 180 18.94 -9.58 9.97
N LEU A 181 17.68 -9.58 9.56
CA LEU A 181 17.00 -8.36 9.24
C LEU A 181 16.72 -7.47 10.43
N ALA B 4 1.33 23.05 7.93
CA ALA B 4 2.17 23.88 7.00
C ALA B 4 1.43 25.13 6.49
N ARG B 5 2.19 26.20 6.31
CA ARG B 5 1.72 27.51 5.85
C ARG B 5 1.13 27.53 4.46
N ARG B 6 -0.13 27.90 4.37
CA ARG B 6 -0.82 28.02 3.08
C ARG B 6 -0.42 29.30 2.34
N LEU B 7 -0.27 29.23 1.02
CA LEU B 7 -0.08 30.45 0.24
C LEU B 7 -0.67 30.33 -1.16
N GLU B 8 -1.07 31.48 -1.71
CA GLU B 8 -1.51 31.57 -3.11
C GLU B 8 -0.43 31.14 -4.09
N LEU B 9 -0.84 30.71 -5.28
CA LEU B 9 0.12 30.24 -6.28
C LEU B 9 1.05 31.35 -6.81
N GLY B 10 0.43 32.51 -7.10
CA GLY B 10 1.16 33.66 -7.62
C GLY B 10 2.21 34.09 -6.60
N GLU B 11 1.76 34.22 -5.35
CA GLU B 11 2.69 34.35 -4.22
C GLU B 11 3.84 33.35 -4.28
N ALA B 12 3.55 32.05 -4.24
CA ALA B 12 4.58 31.01 -4.23
C ALA B 12 5.51 31.07 -5.44
N LEU B 13 4.99 31.45 -6.61
CA LEU B 13 5.83 31.54 -7.80
C LEU B 13 6.89 32.67 -7.75
N ALA B 14 6.71 33.67 -6.89
CA ALA B 14 7.72 34.71 -6.67
C ALA B 14 8.55 34.45 -5.39
N LEU B 15 9.57 33.62 -5.54
CA LEU B 15 10.45 33.26 -4.44
C LEU B 15 11.86 32.97 -4.97
N GLY B 16 12.83 33.07 -4.07
CA GLY B 16 14.23 32.87 -4.40
C GLY B 16 14.64 31.49 -4.82
N SER B 17 15.70 31.44 -5.61
CA SER B 17 16.23 30.19 -6.14
C SER B 17 16.66 29.31 -4.98
N GLY B 18 16.71 29.89 -3.80
CA GLY B 18 16.97 29.12 -2.61
C GLY B 18 15.77 28.18 -2.53
N TRP B 19 14.60 28.68 -2.89
CA TRP B 19 13.37 27.89 -2.87
C TRP B 19 13.24 26.87 -3.99
N ARG B 20 12.84 25.67 -3.59
CA ARG B 20 12.64 24.56 -4.49
C ARG B 20 11.15 24.29 -4.56
N HIS B 21 10.71 23.77 -5.69
CA HIS B 21 9.32 23.43 -5.88
C HIS B 21 9.07 21.94 -6.05
N VAL B 22 8.07 21.44 -5.32
CA VAL B 22 7.64 20.07 -5.43
C VAL B 22 6.18 20.04 -5.84
N CYS B 23 5.81 19.16 -6.78
CA CYS B 23 4.40 18.93 -7.15
C CYS B 23 3.93 17.49 -6.96
N HIS B 24 2.67 17.37 -6.56
CA HIS B 24 2.03 16.08 -6.33
C HIS B 24 0.56 16.10 -6.74
N ALA B 25 0.07 14.91 -7.15
CA ALA B 25 -1.29 14.71 -7.58
C ALA B 25 -2.02 13.56 -6.92
N LEU B 26 -3.27 13.85 -6.64
CA LEU B 26 -4.28 12.93 -6.30
C LEU B 26 -5.06 12.63 -7.56
N LEU B 27 -4.88 11.40 -8.07
CA LEU B 27 -5.68 10.79 -9.15
C LEU B 27 -6.88 10.11 -8.53
N TYR B 28 -8.03 10.46 -9.05
CA TYR B 28 -9.30 9.92 -8.62
C TYR B 28 -10.22 9.61 -9.82
N ALA B 29 -11.10 8.62 -9.65
CA ALA B 29 -12.08 8.22 -10.64
C ALA B 29 -13.32 7.74 -9.95
N PRO B 30 -14.50 8.04 -10.53
CA PRO B 30 -15.69 7.48 -9.94
C PRO B 30 -15.65 5.96 -10.06
N ASP B 31 -16.16 5.34 -9.01
CA ASP B 31 -16.17 3.93 -8.89
C ASP B 31 -17.57 3.54 -8.39
N PRO B 32 -18.41 2.96 -9.29
CA PRO B 32 -19.71 2.50 -8.95
C PRO B 32 -19.70 1.16 -8.18
N GLY B 33 -18.52 0.56 -7.96
CA GLY B 33 -18.46 -0.68 -7.21
C GLY B 33 -18.95 -0.61 -5.75
N MET B 34 -19.17 -1.76 -5.13
CA MET B 34 -19.54 -1.85 -3.75
C MET B 34 -18.76 -2.92 -3.04
N LEU B 35 -18.09 -2.59 -1.94
CA LEU B 35 -17.40 -3.59 -1.13
C LEU B 35 -18.42 -4.50 -0.45
N PHE B 36 -18.17 -5.82 -0.53
CA PHE B 36 -19.15 -6.80 -0.09
C PHE B 36 -20.56 -6.67 -0.77
N GLY B 37 -20.65 -6.04 -1.96
CA GLY B 37 -21.94 -5.73 -2.62
C GLY B 37 -22.90 -4.79 -1.88
N ARG B 38 -22.35 -4.03 -0.93
CA ARG B 38 -23.12 -3.32 0.05
C ARG B 38 -22.65 -1.91 0.34
N ILE B 39 -21.33 -1.68 0.30
CA ILE B 39 -20.73 -0.40 0.68
C ILE B 39 -20.25 0.37 -0.55
N PRO B 40 -20.94 1.49 -0.90
CA PRO B 40 -20.44 2.20 -2.04
C PRO B 40 -18.98 2.72 -1.84
N LEU B 41 -18.12 2.40 -2.78
CA LEU B 41 -16.74 2.84 -2.81
C LEU B 41 -16.63 4.31 -3.21
N ARG B 42 -17.57 4.74 -4.05
CA ARG B 42 -17.66 6.13 -4.50
C ARG B 42 -16.55 6.57 -5.47
N TYR B 43 -15.33 6.65 -4.99
CA TYR B 43 -14.20 6.96 -5.79
C TYR B 43 -13.00 6.07 -5.46
N ALA B 44 -12.21 5.82 -6.49
CA ALA B 44 -10.95 5.15 -6.43
C ALA B 44 -9.97 6.34 -6.37
N ILE B 45 -9.20 6.41 -5.31
CA ILE B 45 -8.23 7.47 -5.09
C ILE B 45 -6.88 6.86 -4.81
N LEU B 46 -5.89 7.29 -5.56
CA LEU B 46 -4.55 6.76 -5.43
C LEU B 46 -3.60 7.54 -4.53
N MET B 47 -2.90 6.77 -3.72
CA MET B 47 -1.88 7.26 -2.85
C MET B 47 -0.81 6.20 -2.99
N GLN B 48 0.40 6.50 -2.57
CA GLN B 48 1.46 5.52 -2.62
C GLN B 48 2.34 5.45 -1.38
N MET B 49 2.81 4.24 -1.08
CA MET B 49 3.74 3.97 0.04
C MET B 49 5.15 4.31 -0.47
N ARG B 50 5.80 5.26 0.19
CA ARG B 50 7.10 5.78 -0.23
C ARG B 50 8.19 4.94 0.46
N PHE B 51 9.42 5.04 -0.06
CA PHE B 51 10.65 4.45 0.47
C PHE B 51 10.84 4.69 1.96
N ASP B 52 10.33 5.80 2.48
CA ASP B 52 10.49 6.10 3.88
C ASP B 52 9.42 5.51 4.78
N GLY B 53 8.51 4.70 4.24
CA GLY B 53 7.50 4.02 5.04
C GLY B 53 6.26 4.84 5.32
N ARG B 54 6.18 6.00 4.69
CA ARG B 54 5.02 6.89 4.78
C ARG B 54 4.14 6.84 3.50
N LEU B 55 2.85 7.06 3.65
CA LEU B 55 1.94 7.27 2.51
C LEU B 55 2.10 8.69 1.95
N GLY B 56 2.06 8.83 0.64
CA GLY B 56 2.08 10.16 0.02
C GLY B 56 1.38 10.12 -1.34
N PHE B 57 1.47 11.23 -2.04
CA PHE B 57 0.92 11.32 -3.36
C PHE B 57 2.04 11.23 -4.39
N PRO B 58 1.73 10.65 -5.56
CA PRO B 58 2.75 10.68 -6.61
C PRO B 58 3.06 12.12 -7.07
N GLY B 59 4.31 12.33 -7.45
CA GLY B 59 4.82 13.60 -7.93
C GLY B 59 6.27 13.74 -7.53
N GLY B 60 6.79 14.96 -7.56
CA GLY B 60 8.16 15.22 -7.13
C GLY B 60 8.65 16.63 -7.41
N PHE B 61 9.94 16.83 -7.24
CA PHE B 61 10.57 18.14 -7.41
C PHE B 61 10.53 18.68 -8.82
N VAL B 62 10.08 19.91 -8.98
CA VAL B 62 10.11 20.55 -10.28
C VAL B 62 11.56 20.92 -10.46
N ASP B 63 12.04 20.95 -11.70
CA ASP B 63 13.41 21.30 -11.94
C ASP B 63 13.51 22.30 -13.07
N GLN B 65 15.08 22.60 -15.78
CA GLN B 65 14.80 22.14 -17.15
C GLN B 65 13.31 21.85 -17.41
N ASP B 66 12.47 22.23 -16.46
CA ASP B 66 11.05 22.05 -16.59
C ASP B 66 10.52 23.41 -16.95
N ARG B 67 9.74 23.48 -18.01
CA ARG B 67 9.16 24.72 -18.46
C ARG B 67 8.16 25.29 -17.46
N SER B 68 7.43 24.41 -16.79
CA SER B 68 6.44 24.85 -15.83
C SER B 68 6.18 23.80 -14.78
N LEU B 69 5.47 24.21 -13.73
CA LEU B 69 5.04 23.32 -12.67
C LEU B 69 4.48 22.03 -13.26
N GLU B 70 3.65 22.19 -14.29
CA GLU B 70 2.88 21.11 -14.83
C GLU B 70 3.80 20.15 -15.59
N ASP B 71 4.67 20.67 -16.46
CA ASP B 71 5.62 19.82 -17.13
C ASP B 71 6.37 18.98 -16.11
N GLY B 72 6.83 19.61 -15.03
CA GLY B 72 7.56 18.93 -13.98
C GLY B 72 6.71 17.87 -13.30
N LEU B 73 5.45 18.20 -13.00
CA LEU B 73 4.56 17.25 -12.35
C LEU B 73 4.34 15.98 -13.27
N ASN B 74 3.96 16.17 -14.52
CA ASN B 74 3.73 15.02 -15.41
C ASN B 74 5.00 14.23 -15.70
N ARG B 75 6.13 14.91 -15.88
CA ARG B 75 7.41 14.20 -16.00
C ARG B 75 7.66 13.25 -14.82
N GLU B 76 7.42 13.74 -13.61
CA GLU B 76 7.63 12.94 -12.39
C GLU B 76 6.58 11.83 -12.25
N LEU B 77 5.31 12.15 -12.57
CA LEU B 77 4.24 11.17 -12.51
C LEU B 77 4.52 9.95 -13.41
N ARG B 78 5.09 10.18 -14.58
CA ARG B 78 5.47 9.11 -15.50
C ARG B 78 6.61 8.24 -14.93
N GLU B 79 7.60 8.88 -14.31
CA GLU B 79 8.73 8.20 -13.69
C GLU B 79 8.29 7.32 -12.54
N GLU B 80 7.38 7.84 -11.74
CA GLU B 80 6.85 7.09 -10.58
C GLU B 80 5.77 6.09 -10.89
N LEU B 81 4.87 6.43 -11.83
CA LEU B 81 3.69 5.60 -12.11
C LEU B 81 3.82 4.71 -13.37
N GLY B 82 4.64 5.12 -14.31
CA GLY B 82 4.83 4.41 -15.55
C GLY B 82 4.06 5.01 -16.71
N GLU B 83 4.09 4.26 -17.80
CA GLU B 83 3.56 4.71 -19.09
C GLU B 83 2.06 5.09 -19.14
N ALA B 84 1.23 4.40 -18.38
CA ALA B 84 -0.17 4.71 -18.35
C ALA B 84 -0.42 6.12 -17.80
N ALA B 85 0.49 6.68 -17.01
CA ALA B 85 0.31 8.09 -16.60
C ALA B 85 0.34 9.06 -17.79
N ALA B 86 1.04 8.70 -18.87
CA ALA B 86 1.06 9.45 -20.17
C ALA B 86 -0.27 9.47 -20.90
N ALA B 87 -1.25 8.68 -20.47
CA ALA B 87 -2.57 8.75 -21.08
C ALA B 87 -3.31 10.07 -20.79
N PHE B 88 -2.88 10.85 -19.80
CA PHE B 88 -3.59 12.10 -19.46
C PHE B 88 -2.54 13.12 -19.10
N ARG B 89 -2.97 14.35 -18.91
CA ARG B 89 -2.08 15.40 -18.50
C ARG B 89 -2.69 16.24 -17.39
N VAL B 90 -1.97 16.36 -16.29
CA VAL B 90 -2.41 17.17 -15.16
C VAL B 90 -2.07 18.63 -15.54
N GLU B 91 -3.06 19.51 -15.42
CA GLU B 91 -2.93 20.89 -15.93
C GLU B 91 -3.16 21.89 -14.78
N ARG B 92 -3.01 23.17 -15.08
CA ARG B 92 -3.17 24.21 -14.05
C ARG B 92 -4.57 24.22 -13.51
N THR B 93 -5.56 23.89 -14.33
CA THR B 93 -6.95 23.83 -13.89
C THR B 93 -7.22 22.72 -12.86
N ASP B 94 -6.31 21.77 -12.78
CA ASP B 94 -6.30 20.79 -11.70
C ASP B 94 -5.56 21.24 -10.43
N TYR B 95 -5.00 22.44 -10.45
CA TYR B 95 -4.29 22.99 -9.29
C TYR B 95 -5.28 23.12 -8.15
N ARG B 96 -4.84 22.78 -6.95
CA ARG B 96 -5.45 23.00 -5.65
CA ARG B 96 -5.43 22.96 -5.63
C ARG B 96 -5.04 24.01 -4.49
N SER B 97 -3.73 23.89 -4.25
CA SER B 97 -3.13 24.61 -3.13
C SER B 97 -1.62 24.61 -3.17
N SER B 98 -1.05 25.51 -2.41
CA SER B 98 0.39 25.56 -2.19
C SER B 98 0.66 25.70 -0.69
N HIS B 99 1.72 25.03 -0.22
CA HIS B 99 2.13 24.99 1.18
C HIS B 99 3.65 25.11 1.31
N VAL B 100 4.10 25.97 2.20
CA VAL B 100 5.49 25.95 2.66
C VAL B 100 5.50 25.35 4.04
N PRO B 104 13.16 22.18 5.05
CA PRO B 104 13.90 22.91 4.02
C PRO B 104 13.02 23.97 3.34
N ARG B 105 13.61 24.82 2.49
CA ARG B 105 12.84 25.86 1.82
C ARG B 105 12.20 25.31 0.54
N VAL B 106 11.22 24.46 0.76
CA VAL B 106 10.47 23.75 -0.31
C VAL B 106 9.00 24.17 -0.31
N VAL B 107 8.44 24.50 -1.48
CA VAL B 107 7.01 24.81 -1.57
C VAL B 107 6.29 23.65 -2.29
N ALA B 108 5.22 23.15 -1.64
CA ALA B 108 4.47 21.91 -2.03
C ALA B 108 3.17 22.26 -2.70
N HIS B 109 3.12 22.04 -4.00
CA HIS B 109 1.93 22.26 -4.79
C HIS B 109 1.21 20.92 -4.94
N PHE B 110 -0.10 21.02 -4.86
CA PHE B 110 -0.99 19.89 -4.81
C PHE B 110 -2.06 20.08 -5.88
N TYR B 111 -2.28 19.01 -6.64
CA TYR B 111 -3.26 18.96 -7.75
C TYR B 111 -4.17 17.75 -7.55
N ALA B 112 -5.38 17.83 -8.07
CA ALA B 112 -6.30 16.69 -8.08
C ALA B 112 -6.81 16.55 -9.51
N LYS B 113 -6.62 15.37 -10.10
CA LYS B 113 -6.95 15.11 -11.51
C LYS B 113 -7.95 13.97 -11.64
N ARG B 114 -9.06 14.24 -12.29
CA ARG B 114 -10.10 13.25 -12.47
C ARG B 114 -9.83 12.40 -13.70
N LEU B 115 -9.89 11.09 -13.53
CA LEU B 115 -9.71 10.11 -14.58
C LEU B 115 -10.99 9.30 -14.66
N THR B 116 -11.12 8.51 -15.71
CA THR B 116 -12.13 7.42 -15.69
C THR B 116 -11.56 6.28 -14.83
N LEU B 117 -12.40 5.34 -14.47
CA LEU B 117 -11.99 4.20 -13.72
C LEU B 117 -11.00 3.37 -14.50
N GLU B 118 -11.26 3.17 -15.81
CA GLU B 118 -10.36 2.46 -16.69
C GLU B 118 -8.94 3.10 -16.80
N GLU B 119 -8.87 4.42 -16.93
CA GLU B 119 -7.59 5.15 -16.85
C GLU B 119 -6.88 4.98 -15.51
N LEU B 120 -7.62 5.07 -14.43
CA LEU B 120 -7.04 4.80 -13.11
C LEU B 120 -6.53 3.34 -12.99
N LEU B 121 -7.37 2.36 -13.36
CA LEU B 121 -6.96 0.93 -13.39
C LEU B 121 -5.72 0.69 -14.21
N ALA B 122 -5.62 1.33 -15.39
CA ALA B 122 -4.41 1.18 -16.18
C ALA B 122 -3.21 1.73 -15.42
N VAL B 123 -3.35 2.85 -14.73
CA VAL B 123 -2.26 3.36 -13.92
C VAL B 123 -1.81 2.28 -12.91
N GLU B 124 -2.76 1.68 -12.17
CA GLU B 124 -2.36 0.68 -11.13
C GLU B 124 -1.64 -0.50 -11.80
N ALA B 125 -2.17 -0.92 -12.96
CA ALA B 125 -1.75 -2.13 -13.63
C ALA B 125 -0.36 -2.06 -14.19
N GLY B 126 0.06 -0.87 -14.56
CA GLY B 126 1.38 -0.71 -15.09
C GLY B 126 2.37 -0.19 -14.08
N ALA B 127 1.95 0.14 -12.85
CA ALA B 127 2.89 0.85 -11.92
C ALA B 127 4.11 0.05 -11.53
N THR B 128 4.01 -1.28 -11.53
CA THR B 128 5.16 -2.10 -11.14
C THR B 128 6.30 -2.07 -12.15
N ARG B 129 5.95 -1.73 -13.36
CA ARG B 129 6.90 -1.42 -14.38
CA ARG B 129 6.93 -1.39 -14.38
C ARG B 129 7.72 0.03 -14.32
N ALA B 130 7.19 0.81 -13.38
CA ALA B 130 7.67 2.18 -13.40
C ALA B 130 9.10 2.19 -12.88
N LYS B 131 9.80 3.26 -13.23
CA LYS B 131 11.21 3.39 -12.90
C LYS B 131 11.42 3.32 -11.37
N ASP B 132 10.53 3.99 -10.64
CA ASP B 132 10.71 4.08 -9.19
C ASP B 132 10.16 2.89 -8.37
N HIS B 133 9.52 1.92 -9.03
CA HIS B 133 8.83 0.87 -8.32
C HIS B 133 9.86 -0.04 -7.74
N GLY B 134 9.72 -0.28 -6.44
CA GLY B 134 10.67 -1.12 -5.71
C GLY B 134 11.85 -0.32 -5.18
N LEU B 135 11.88 1.00 -5.37
CA LEU B 135 13.00 1.81 -4.91
C LEU B 135 12.35 3.00 -4.18
N GLU B 136 12.09 4.10 -4.88
N GLU B 136 12.10 4.13 -4.87
CA GLU B 136 11.48 5.26 -4.31
CA GLU B 136 11.45 5.29 -4.27
C GLU B 136 10.01 5.01 -3.92
C GLU B 136 9.99 4.99 -3.89
N VAL B 137 9.34 4.14 -4.68
CA VAL B 137 7.93 3.84 -4.42
C VAL B 137 7.82 2.32 -4.10
N LEU B 138 7.07 1.97 -3.06
CA LEU B 138 6.96 0.58 -2.57
C LEU B 138 5.65 -0.03 -3.00
N GLY B 139 4.70 0.79 -3.44
CA GLY B 139 3.45 0.31 -4.03
C GLY B 139 2.29 1.30 -3.89
N LEU B 140 1.31 1.21 -4.75
CA LEU B 140 0.20 2.10 -4.73
C LEU B 140 -0.88 1.47 -3.86
N VAL B 141 -1.67 2.31 -3.20
CA VAL B 141 -2.84 1.91 -2.47
C VAL B 141 -4.02 2.81 -2.81
N ARG B 142 -5.23 2.28 -2.67
CA ARG B 142 -6.41 3.10 -2.73
C ARG B 142 -6.79 3.59 -1.34
N VAL B 143 -7.49 4.72 -1.29
CA VAL B 143 -7.94 5.31 -0.03
C VAL B 143 -9.34 4.85 0.18
N PRO B 144 -9.60 4.07 1.27
CA PRO B 144 -10.95 3.70 1.52
C PRO B 144 -11.76 4.93 1.98
N LEU B 145 -12.89 5.20 1.34
CA LEU B 145 -13.67 6.38 1.66
C LEU B 145 -14.86 6.14 2.53
N TYR B 146 -15.19 4.87 2.79
CA TYR B 146 -16.33 4.46 3.61
C TYR B 146 -15.82 4.34 5.04
N THR B 147 -16.72 4.31 6.01
CA THR B 147 -16.44 3.96 7.40
C THR B 147 -17.22 2.73 7.69
N LEU B 148 -16.59 1.66 8.15
CA LEU B 148 -17.34 0.44 8.43
C LEU B 148 -18.26 0.60 9.68
N ARG B 149 -19.11 -0.40 9.91
CA ARG B 149 -20.11 -0.42 11.02
C ARG B 149 -19.63 -0.24 12.46
N ASP B 150 -18.35 -0.55 12.66
CA ASP B 150 -17.67 -0.40 13.93
C ASP B 150 -17.30 1.05 14.17
N GLY B 151 -17.51 1.89 13.17
CA GLY B 151 -17.27 3.31 13.27
C GLY B 151 -15.80 3.73 13.20
N VAL B 152 -14.88 2.79 12.89
CA VAL B 152 -13.40 3.01 12.96
C VAL B 152 -12.68 2.48 11.68
N GLY B 153 -12.95 1.24 11.30
CA GLY B 153 -12.53 0.67 9.99
C GLY B 153 -12.79 1.56 8.78
N GLY B 154 -11.90 1.48 7.79
CA GLY B 154 -11.99 2.33 6.60
C GLY B 154 -11.22 3.60 6.70
N LEU B 155 -11.87 4.71 6.33
CA LEU B 155 -11.16 5.99 6.25
C LEU B 155 -10.54 6.41 7.57
N PRO B 156 -11.28 6.25 8.69
CA PRO B 156 -10.72 6.73 9.94
C PRO B 156 -9.44 6.03 10.32
N THR B 157 -9.39 4.71 10.12
CA THR B 157 -8.15 3.97 10.36
C THR B 157 -7.08 4.33 9.30
N PHE B 158 -7.48 4.42 8.02
CA PHE B 158 -6.51 4.87 7.01
C PHE B 158 -5.75 6.14 7.42
N LEU B 159 -6.50 7.09 7.97
CA LEU B 159 -5.98 8.35 8.35
C LEU B 159 -5.07 8.30 9.57
N GLU B 160 -5.00 7.15 10.25
CA GLU B 160 -4.05 6.94 11.32
C GLU B 160 -2.66 6.49 10.83
N ASN B 161 -2.52 6.19 9.53
CA ASN B 161 -1.25 5.71 9.01
C ASN B 161 -0.26 6.84 8.99
N SER B 162 0.98 6.58 8.64
CA SER B 162 1.97 7.65 8.57
C SER B 162 1.93 8.28 7.18
N PHE B 163 1.92 9.61 7.13
CA PHE B 163 1.87 10.44 5.93
C PHE B 163 3.08 11.36 5.85
N ILE B 164 3.53 11.60 4.63
CA ILE B 164 4.56 12.54 4.33
C ILE B 164 3.99 13.97 4.27
N GLY B 165 4.79 14.90 4.79
CA GLY B 165 4.55 16.34 4.62
C GLY B 165 3.17 16.79 5.01
N SER B 166 2.49 17.46 4.08
CA SER B 166 1.07 17.82 4.26
C SER B 166 0.10 16.83 3.58
N ALA B 167 0.57 15.64 3.17
CA ALA B 167 -0.32 14.69 2.42
C ALA B 167 -1.65 14.46 3.09
N ARG B 168 -1.69 14.31 4.42
CA ARG B 168 -2.96 13.95 5.07
C ARG B 168 -4.00 15.06 4.95
N GLU B 169 -3.48 16.29 5.08
CA GLU B 169 -4.29 17.50 5.07
C GLU B 169 -4.79 17.80 3.62
N GLN B 170 -3.93 17.59 2.64
CA GLN B 170 -4.24 17.73 1.20
C GLN B 170 -5.30 16.71 0.79
N LEU B 171 -5.13 15.46 1.25
CA LEU B 171 -6.18 14.44 1.11
C LEU B 171 -7.51 14.90 1.65
N LEU B 172 -7.53 15.30 2.92
CA LEU B 172 -8.81 15.67 3.57
C LEU B 172 -9.52 16.89 2.96
N GLU B 173 -8.73 17.84 2.54
CA GLU B 173 -9.28 19.04 1.87
C GLU B 173 -9.92 18.67 0.52
N ALA B 174 -9.29 17.73 -0.22
CA ALA B 174 -9.81 17.25 -1.52
C ALA B 174 -11.06 16.41 -1.36
N LEU B 175 -11.05 15.54 -0.35
CA LEU B 175 -12.22 14.75 0.00
C LEU B 175 -13.44 15.62 0.31
N GLN B 176 -13.24 16.74 0.99
CA GLN B 176 -14.40 17.58 1.20
C GLN B 176 -14.69 18.56 0.09
N ASP B 177 -13.67 19.18 -0.51
CA ASP B 177 -13.84 20.23 -1.55
C ASP B 177 -14.38 19.76 -2.87
N LEU B 178 -13.99 18.56 -3.28
CA LEU B 178 -14.48 17.95 -4.52
C LEU B 178 -15.65 17.03 -4.16
N GLY B 179 -15.96 16.95 -2.87
CA GLY B 179 -17.17 16.32 -2.39
C GLY B 179 -17.08 14.87 -2.75
N LEU B 180 -15.94 14.27 -2.43
CA LEU B 180 -15.73 12.84 -2.65
C LEU B 180 -16.42 12.02 -1.56
N LEU B 181 -16.46 12.54 -0.33
CA LEU B 181 -17.39 12.05 0.70
C LEU B 181 -18.81 12.57 0.41
#